data_6NMK
#
_entry.id   6NMK
#
_cell.length_a   59.000
_cell.length_b   97.710
_cell.length_c   101.970
_cell.angle_alpha   90.00
_cell.angle_beta   90.00
_cell.angle_gamma   90.00
#
_symmetry.space_group_name_H-M   'P 21 21 21'
#
loop_
_entity.id
_entity.type
_entity.pdbx_description
1 polymer 'Kanamycin nucleotidyltransferase'
2 non-polymer NEOMYCIN
3 non-polymer 'MAGNESIUM ION'
4 non-polymer 'CALCIUM ION'
5 water water
#
_entity_poly.entity_id   1
_entity_poly.type   'polypeptide(L)'
_entity_poly.pdbx_seq_one_letter_code
;GSHMNGPIIMTREERMKIVHEIKERILDKYGDDVKAIGVYGSLGRQTDGPYSDIEMMCVMSTEEAEFSHEWTTGEWKVEV
NFDSEEILLDYASQVESDWPLTHGQFFSILPIYDSGGYLEKVYQTAKSVEAQKFHDAICALIVEELFEYAGKWRNIRVQG
PTTFLPSLTVQVAMAGAMLIGLHHRICYTTSASVLTEAVKQSDLPSGYDHLCQFVMSGQLSDSEKLLESLENFWNGIQEW
TERHGYIVDVSKRIPF
;
_entity_poly.pdbx_strand_id   A,B
#
loop_
_chem_comp.id
_chem_comp.type
_chem_comp.name
_chem_comp.formula
CA non-polymer 'CALCIUM ION' 'Ca 2'
MG non-polymer 'MAGNESIUM ION' 'Mg 2'
NMY non-polymer NEOMYCIN 'C23 H46 N6 O13'
#
# COMPACT_ATOMS: atom_id res chain seq x y z
N ASN A 5 17.09 -15.25 13.59
CA ASN A 5 16.51 -14.70 14.81
C ASN A 5 16.61 -13.17 14.89
N GLY A 6 17.28 -12.53 13.89
CA GLY A 6 17.35 -11.09 13.84
C GLY A 6 16.01 -10.52 13.45
N PRO A 7 15.92 -9.18 13.41
CA PRO A 7 16.99 -8.21 13.58
C PRO A 7 17.49 -8.12 15.03
N ILE A 8 18.74 -7.70 15.15
CA ILE A 8 19.38 -7.59 16.43
C ILE A 8 19.49 -6.11 16.80
N ILE A 9 19.86 -5.86 18.06
CA ILE A 9 20.14 -4.52 18.54
C ILE A 9 21.47 -4.04 17.98
N MET A 10 21.49 -2.81 17.48
CA MET A 10 22.71 -2.21 16.97
C MET A 10 22.73 -0.77 17.45
N THR A 11 23.95 -0.21 17.53
CA THR A 11 24.14 1.16 17.92
C THR A 11 24.14 2.07 16.70
N ARG A 12 23.93 3.37 16.94
CA ARG A 12 24.05 4.32 15.84
C ARG A 12 25.44 4.23 15.21
N GLU A 13 26.48 4.10 16.03
N GLU A 13 26.49 4.13 16.04
CA GLU A 13 27.84 4.05 15.50
CA GLU A 13 27.85 4.05 15.51
C GLU A 13 28.06 2.82 14.63
C GLU A 13 28.04 2.82 14.62
N GLU A 14 27.43 1.69 15.00
CA GLU A 14 27.54 0.49 14.17
C GLU A 14 26.83 0.67 12.84
N ARG A 15 25.67 1.34 12.85
CA ARG A 15 24.96 1.61 11.59
C ARG A 15 25.74 2.56 10.71
N MET A 16 26.35 3.60 11.30
CA MET A 16 27.12 4.52 10.45
C MET A 16 28.34 3.85 9.85
N LYS A 17 29.00 2.92 10.58
CA LYS A 17 30.05 2.10 9.98
C LYS A 17 29.58 1.37 8.74
N ILE A 18 28.44 0.72 8.84
CA ILE A 18 27.87 -0.04 7.73
C ILE A 18 27.59 0.89 6.55
N VAL A 19 27.00 2.04 6.84
CA VAL A 19 26.71 3.05 5.81
C VAL A 19 27.97 3.41 5.04
N HIS A 20 29.07 3.69 5.77
CA HIS A 20 30.28 4.10 5.07
C HIS A 20 30.92 2.93 4.31
N GLU A 21 30.73 1.70 4.78
CA GLU A 21 31.20 0.55 4.00
C GLU A 21 30.43 0.42 2.68
N ILE A 22 29.12 0.65 2.74
CA ILE A 22 28.31 0.58 1.52
C ILE A 22 28.71 1.72 0.57
N LYS A 23 28.91 2.91 1.12
CA LYS A 23 29.38 4.03 0.31
C LYS A 23 30.64 3.64 -0.47
N GLU A 24 31.60 3.02 0.21
CA GLU A 24 32.83 2.62 -0.46
C GLU A 24 32.55 1.60 -1.54
N ARG A 25 31.67 0.64 -1.27
CA ARG A 25 31.33 -0.35 -2.29
C ARG A 25 30.69 0.31 -3.50
N ILE A 26 29.77 1.26 -3.25
CA ILE A 26 29.08 1.91 -4.37
C ILE A 26 30.07 2.66 -5.23
N LEU A 27 31.00 3.39 -4.60
CA LEU A 27 31.98 4.15 -5.38
C LEU A 27 32.97 3.21 -6.10
N ASP A 28 33.36 2.08 -5.48
CA ASP A 28 34.21 1.11 -6.18
C ASP A 28 33.47 0.49 -7.35
N LYS A 29 32.21 0.17 -7.15
CA LYS A 29 31.51 -0.56 -8.20
C LYS A 29 31.14 0.35 -9.35
N TYR A 30 30.62 1.56 -9.06
CA TYR A 30 30.05 2.40 -10.10
C TYR A 30 30.89 3.62 -10.44
N GLY A 31 31.87 3.95 -9.62
CA GLY A 31 32.83 4.98 -9.98
C GLY A 31 32.18 6.30 -10.35
N ASP A 32 32.58 6.84 -11.51
CA ASP A 32 32.21 8.19 -11.93
C ASP A 32 30.73 8.31 -12.27
N ASP A 33 30.01 7.19 -12.36
CA ASP A 33 28.57 7.25 -12.58
C ASP A 33 27.80 7.64 -11.32
N VAL A 34 28.45 7.69 -10.16
CA VAL A 34 27.80 8.09 -8.91
C VAL A 34 27.87 9.61 -8.76
N LYS A 35 26.69 10.27 -8.76
CA LYS A 35 26.64 11.72 -8.49
C LYS A 35 26.59 12.00 -7.01
N ALA A 36 25.81 11.24 -6.24
CA ALA A 36 25.67 11.52 -4.80
C ALA A 36 25.17 10.29 -4.07
N ILE A 37 25.46 10.24 -2.76
CA ILE A 37 24.98 9.18 -1.87
C ILE A 37 24.51 9.82 -0.57
N GLY A 38 23.34 9.42 -0.09
CA GLY A 38 22.82 9.92 1.17
C GLY A 38 22.16 8.83 1.98
N VAL A 39 22.05 9.05 3.26
CA VAL A 39 21.26 8.20 4.16
C VAL A 39 19.95 8.91 4.41
N TYR A 40 18.85 8.17 4.43
CA TYR A 40 17.59 8.77 4.85
C TYR A 40 16.91 7.97 5.96
N GLY A 41 15.65 8.27 6.25
CA GLY A 41 15.00 7.50 7.31
C GLY A 41 15.49 7.90 8.70
N SER A 42 15.18 7.04 9.68
N SER A 42 15.20 7.03 9.68
CA SER A 42 15.52 7.34 11.07
CA SER A 42 15.52 7.34 11.07
C SER A 42 17.01 7.58 11.24
C SER A 42 17.01 7.57 11.25
N LEU A 43 17.86 6.77 10.57
CA LEU A 43 19.30 6.98 10.68
C LEU A 43 19.71 8.30 10.05
N GLY A 44 19.06 8.69 8.94
CA GLY A 44 19.38 9.98 8.34
C GLY A 44 19.03 11.12 9.29
N ARG A 45 17.97 10.96 10.06
CA ARG A 45 17.60 11.98 11.05
C ARG A 45 18.38 11.84 12.35
N GLN A 46 19.21 10.79 12.44
CA GLN A 46 19.98 10.45 13.65
C GLN A 46 19.06 10.23 14.83
N THR A 47 17.91 9.62 14.57
CA THR A 47 16.97 9.20 15.61
C THR A 47 16.69 7.71 15.55
N ASP A 48 17.54 6.95 14.89
CA ASP A 48 17.38 5.49 14.80
C ASP A 48 17.36 4.88 16.22
N GLY A 49 16.48 3.90 16.41
CA GLY A 49 16.43 3.15 17.64
C GLY A 49 17.21 1.84 17.56
N PRO A 50 17.09 1.02 18.60
CA PRO A 50 17.89 -0.22 18.69
C PRO A 50 17.77 -1.15 17.50
N TYR A 51 16.60 -1.23 16.84
CA TYR A 51 16.34 -2.22 15.80
C TYR A 51 16.15 -1.65 14.40
N SER A 52 16.52 -0.40 14.17
CA SER A 52 16.17 0.25 12.91
C SER A 52 16.88 -0.38 11.71
N ASP A 53 16.23 -0.31 10.55
CA ASP A 53 16.92 -0.72 9.33
C ASP A 53 17.68 0.48 8.77
N ILE A 54 18.41 0.23 7.69
CA ILE A 54 19.29 1.22 7.07
C ILE A 54 18.77 1.51 5.67
N GLU A 55 18.57 2.78 5.35
CA GLU A 55 18.01 3.22 4.07
C GLU A 55 18.89 4.28 3.43
N MET A 56 19.29 4.06 2.17
CA MET A 56 20.24 4.94 1.51
C MET A 56 19.75 5.20 0.09
N MET A 57 20.10 6.38 -0.42
CA MET A 57 19.73 6.76 -1.77
C MET A 57 20.97 7.17 -2.54
N CYS A 58 21.02 6.82 -3.82
N CYS A 58 21.03 6.77 -3.79
CA CYS A 58 22.17 7.11 -4.67
CA CYS A 58 22.10 7.19 -4.67
C CYS A 58 21.70 7.74 -5.97
C CYS A 58 21.52 7.91 -5.86
N VAL A 59 22.22 8.92 -6.29
CA VAL A 59 21.93 9.62 -7.55
C VAL A 59 22.99 9.20 -8.56
N MET A 60 22.57 8.69 -9.72
CA MET A 60 23.44 8.16 -10.75
C MET A 60 23.41 9.06 -11.97
N SER A 61 24.51 9.12 -12.72
CA SER A 61 24.46 9.93 -13.94
C SER A 61 23.82 9.20 -15.11
N THR A 62 23.84 7.88 -15.12
CA THR A 62 23.29 7.08 -16.19
C THR A 62 21.82 7.43 -16.40
N GLU A 63 21.50 7.84 -17.61
CA GLU A 63 20.11 8.17 -17.96
C GLU A 63 19.32 6.86 -17.82
N GLU A 64 18.11 6.96 -17.27
CA GLU A 64 17.18 5.86 -17.03
C GLU A 64 17.62 4.91 -15.93
N ALA A 65 18.66 5.25 -15.15
CA ALA A 65 19.03 4.37 -14.04
C ALA A 65 17.91 4.33 -13.02
N GLU A 66 17.43 3.14 -12.66
CA GLU A 66 16.35 3.00 -11.69
C GLU A 66 16.38 1.56 -11.17
N PHE A 67 17.11 1.35 -10.07
CA PHE A 67 17.18 0.02 -9.49
C PHE A 67 17.44 0.15 -7.99
N SER A 68 17.33 -0.99 -7.30
CA SER A 68 17.55 -0.99 -5.86
C SER A 68 18.20 -2.30 -5.47
N HIS A 69 18.98 -2.25 -4.38
CA HIS A 69 19.49 -3.43 -3.70
C HIS A 69 18.93 -3.44 -2.28
N GLU A 70 18.20 -4.50 -1.93
CA GLU A 70 17.59 -4.59 -0.61
C GLU A 70 17.86 -6.00 -0.08
N TRP A 71 18.49 -6.09 1.09
CA TRP A 71 18.98 -7.37 1.59
C TRP A 71 19.02 -7.35 3.10
N THR A 72 19.16 -8.55 3.67
N THR A 72 19.11 -8.55 3.69
CA THR A 72 19.39 -8.69 5.09
CA THR A 72 19.43 -8.64 5.10
C THR A 72 20.62 -9.56 5.28
C THR A 72 20.66 -9.51 5.25
N THR A 73 21.34 -9.32 6.37
CA THR A 73 22.44 -10.17 6.79
C THR A 73 21.97 -11.19 7.81
N GLY A 74 20.66 -11.29 8.02
CA GLY A 74 20.10 -12.05 9.12
C GLY A 74 20.01 -11.22 10.39
N GLU A 75 20.89 -10.24 10.54
CA GLU A 75 20.92 -9.39 11.71
C GLU A 75 20.46 -7.97 11.48
N TRP A 76 20.65 -7.43 10.28
CA TRP A 76 20.16 -6.09 9.98
C TRP A 76 19.75 -6.08 8.51
N LYS A 77 19.03 -5.04 8.12
CA LYS A 77 18.48 -4.95 6.79
C LYS A 77 18.89 -3.61 6.19
N VAL A 78 19.17 -3.61 4.89
CA VAL A 78 19.58 -2.39 4.17
C VAL A 78 18.77 -2.31 2.90
N GLU A 79 18.37 -1.10 2.51
CA GLU A 79 17.82 -0.84 1.21
C GLU A 79 18.61 0.31 0.60
N VAL A 80 19.16 0.14 -0.60
CA VAL A 80 19.84 1.20 -1.33
C VAL A 80 19.11 1.40 -2.65
N ASN A 81 18.61 2.60 -2.88
CA ASN A 81 17.95 2.95 -4.14
C ASN A 81 18.92 3.72 -5.02
N PHE A 82 18.92 3.39 -6.31
CA PHE A 82 19.80 4.04 -7.26
C PHE A 82 18.92 4.65 -8.34
N ASP A 83 19.01 5.96 -8.52
CA ASP A 83 18.14 6.63 -9.49
C ASP A 83 18.93 7.67 -10.27
N SER A 84 18.60 7.84 -11.54
CA SER A 84 19.11 9.02 -12.23
C SER A 84 18.57 10.28 -11.56
N GLU A 85 19.27 11.40 -11.78
CA GLU A 85 18.80 12.67 -11.22
C GLU A 85 17.39 13.01 -11.71
N GLU A 86 17.15 12.82 -13.02
CA GLU A 86 15.84 13.15 -13.57
C GLU A 86 14.73 12.29 -12.97
N ILE A 87 14.98 10.98 -12.83
CA ILE A 87 13.98 10.08 -12.26
C ILE A 87 13.69 10.45 -10.81
N LEU A 88 14.74 10.76 -10.04
CA LEU A 88 14.55 11.13 -8.64
C LEU A 88 13.85 12.48 -8.49
N LEU A 89 14.19 13.50 -9.31
CA LEU A 89 13.54 14.79 -9.21
C LEU A 89 12.06 14.66 -9.56
N ASP A 90 11.74 13.86 -10.58
N ASP A 90 11.75 13.87 -10.59
CA ASP A 90 10.33 13.65 -10.93
CA ASP A 90 10.35 13.62 -10.96
C ASP A 90 9.58 12.99 -9.78
C ASP A 90 9.60 12.99 -9.79
N TYR A 91 10.18 11.96 -9.17
CA TYR A 91 9.52 11.32 -8.05
C TYR A 91 9.33 12.29 -6.89
N ALA A 92 10.34 13.12 -6.61
CA ALA A 92 10.27 14.03 -5.49
C ALA A 92 9.17 15.08 -5.68
N SER A 93 8.71 15.32 -6.91
CA SER A 93 7.68 16.34 -7.14
C SER A 93 6.31 15.75 -7.48
N GLN A 94 6.13 14.44 -7.37
CA GLN A 94 4.83 13.80 -7.55
C GLN A 94 4.14 13.59 -6.21
N VAL A 95 2.89 13.98 -6.10
CA VAL A 95 2.17 13.93 -4.83
C VAL A 95 1.08 12.89 -4.96
N GLU A 96 1.31 11.73 -4.37
CA GLU A 96 0.29 10.69 -4.37
C GLU A 96 -0.45 10.72 -3.04
N SER A 97 -1.46 9.85 -2.92
CA SER A 97 -2.19 9.72 -1.66
C SER A 97 -1.28 9.41 -0.45
N ASP A 98 -0.18 8.73 -0.65
CA ASP A 98 0.69 8.40 0.49
C ASP A 98 1.94 9.29 0.54
N TRP A 99 1.92 10.45 -0.12
CA TRP A 99 3.03 11.39 0.02
C TRP A 99 3.43 11.66 1.48
N PRO A 100 2.51 11.82 2.44
CA PRO A 100 2.96 12.06 3.83
C PRO A 100 3.73 10.92 4.42
N LEU A 101 3.61 9.72 3.84
CA LEU A 101 4.31 8.52 4.31
C LEU A 101 5.63 8.31 3.60
N THR A 102 5.71 8.72 2.34
CA THR A 102 6.85 8.40 1.48
C THR A 102 7.88 9.53 1.38
N HIS A 103 7.43 10.78 1.35
CA HIS A 103 8.35 11.84 0.96
C HIS A 103 9.08 12.45 2.13
N GLY A 104 8.89 11.94 3.34
CA GLY A 104 9.81 12.30 4.41
C GLY A 104 11.25 11.91 4.10
N GLN A 105 11.44 10.94 3.19
CA GLN A 105 12.78 10.61 2.68
C GLN A 105 13.54 11.88 2.29
N PHE A 106 12.86 12.83 1.65
CA PHE A 106 13.58 13.99 1.16
C PHE A 106 13.84 15.04 2.22
N PHE A 107 13.21 14.92 3.38
CA PHE A 107 13.45 15.80 4.53
C PHE A 107 14.24 15.10 5.62
N SER A 108 14.88 13.98 5.30
N SER A 108 14.87 13.97 5.29
CA SER A 108 15.65 13.24 6.28
CA SER A 108 15.62 13.14 6.24
C SER A 108 17.00 12.85 5.71
C SER A 108 17.02 12.85 5.72
N ILE A 109 17.51 13.60 4.73
CA ILE A 109 18.75 13.23 4.02
C ILE A 109 19.97 13.61 4.84
N LEU A 110 20.80 12.62 5.13
CA LEU A 110 22.13 12.83 5.67
C LEU A 110 23.11 12.62 4.54
N PRO A 111 23.69 13.67 3.96
CA PRO A 111 24.62 13.50 2.84
C PRO A 111 25.89 12.80 3.30
N ILE A 112 26.36 11.82 2.52
CA ILE A 112 27.69 11.29 2.79
C ILE A 112 28.63 11.42 1.61
N TYR A 113 28.14 11.64 0.41
CA TYR A 113 28.97 11.92 -0.75
C TYR A 113 28.16 12.75 -1.75
N ASP A 114 28.71 13.85 -2.25
CA ASP A 114 27.95 14.63 -3.24
C ASP A 114 28.92 15.41 -4.11
N SER A 115 28.92 15.12 -5.41
CA SER A 115 29.83 15.75 -6.36
C SER A 115 29.31 17.06 -6.93
N GLY A 116 28.04 17.40 -6.73
CA GLY A 116 27.55 18.66 -7.29
C GLY A 116 26.26 19.14 -6.71
N GLY A 117 26.13 19.12 -5.38
CA GLY A 117 24.93 19.65 -4.75
C GLY A 117 23.66 18.94 -5.16
N TYR A 118 23.76 17.66 -5.56
CA TYR A 118 22.59 16.94 -6.09
C TYR A 118 21.55 16.65 -5.01
N LEU A 119 21.99 16.30 -3.80
CA LEU A 119 21.02 16.00 -2.75
C LEU A 119 20.27 17.24 -2.33
N GLU A 120 20.97 18.38 -2.27
CA GLU A 120 20.29 19.63 -1.96
C GLU A 120 19.26 19.96 -3.03
N LYS A 121 19.56 19.67 -4.31
N LYS A 121 19.57 19.68 -4.31
CA LYS A 121 18.61 19.93 -5.38
CA LYS A 121 18.61 19.93 -5.38
C LYS A 121 17.36 19.05 -5.25
C LYS A 121 17.37 19.05 -5.25
N VAL A 122 17.57 17.81 -4.83
CA VAL A 122 16.44 16.90 -4.60
C VAL A 122 15.59 17.43 -3.46
N TYR A 123 16.24 17.87 -2.39
CA TYR A 123 15.50 18.41 -1.26
C TYR A 123 14.72 19.67 -1.64
N GLN A 124 15.35 20.57 -2.41
CA GLN A 124 14.68 21.80 -2.84
C GLN A 124 13.45 21.46 -3.68
N THR A 125 13.59 20.48 -4.57
CA THR A 125 12.48 20.05 -5.40
C THR A 125 11.34 19.53 -4.55
N ALA A 126 11.66 18.68 -3.57
CA ALA A 126 10.65 18.10 -2.71
C ALA A 126 9.94 19.17 -1.87
N LYS A 127 10.65 20.21 -1.47
CA LYS A 127 10.03 21.17 -0.58
C LYS A 127 9.27 22.27 -1.35
N SER A 128 9.42 22.34 -2.66
N SER A 128 9.42 22.36 -2.66
CA SER A 128 8.86 23.43 -3.48
CA SER A 128 8.81 23.45 -3.43
C SER A 128 7.70 22.97 -4.37
C SER A 128 7.69 22.97 -4.35
N VAL A 129 7.15 21.78 -4.12
CA VAL A 129 6.06 21.26 -4.93
C VAL A 129 4.85 22.21 -4.91
N GLU A 130 4.19 22.36 -6.06
CA GLU A 130 3.08 23.30 -6.18
C GLU A 130 1.89 22.91 -5.33
N ALA A 131 1.24 23.93 -4.76
CA ALA A 131 0.10 23.70 -3.88
C ALA A 131 -1.01 22.94 -4.58
N GLN A 132 -1.22 23.21 -5.87
CA GLN A 132 -2.31 22.54 -6.59
C GLN A 132 -2.16 21.01 -6.52
N LYS A 133 -0.91 20.51 -6.49
CA LYS A 133 -0.73 19.05 -6.47
C LYS A 133 -1.31 18.43 -5.20
N PHE A 134 -1.21 19.14 -4.08
CA PHE A 134 -1.77 18.62 -2.83
C PHE A 134 -3.29 18.65 -2.86
N HIS A 135 -3.84 19.68 -3.46
CA HIS A 135 -5.29 19.78 -3.67
C HIS A 135 -5.80 18.59 -4.49
N ASP A 136 -5.15 18.32 -5.62
CA ASP A 136 -5.55 17.22 -6.47
C ASP A 136 -5.45 15.89 -5.73
N ALA A 137 -4.38 15.72 -4.94
CA ALA A 137 -4.14 14.47 -4.21
C ALA A 137 -5.20 14.24 -3.14
N ILE A 138 -5.61 15.31 -2.48
CA ILE A 138 -6.66 15.18 -1.48
C ILE A 138 -7.99 14.79 -2.12
N CYS A 139 -8.37 15.46 -3.22
CA CYS A 139 -9.61 15.12 -3.90
C CYS A 139 -9.55 13.68 -4.41
N ALA A 140 -8.39 13.26 -4.92
CA ALA A 140 -8.22 11.88 -5.36
C ALA A 140 -8.36 10.91 -4.19
N LEU A 141 -7.78 11.27 -3.05
CA LEU A 141 -7.83 10.38 -1.89
C LEU A 141 -9.26 10.17 -1.42
N ILE A 142 -10.05 11.23 -1.46
CA ILE A 142 -11.42 11.13 -0.99
C ILE A 142 -12.21 10.17 -1.85
N VAL A 143 -12.00 10.23 -3.16
CA VAL A 143 -12.75 9.38 -4.09
C VAL A 143 -12.22 7.96 -4.07
N GLU A 144 -10.90 7.84 -4.21
CA GLU A 144 -10.27 6.55 -4.46
C GLU A 144 -10.15 5.72 -3.20
N GLU A 145 -10.04 6.35 -2.04
CA GLU A 145 -9.86 5.58 -0.82
C GLU A 145 -11.01 5.77 0.17
N LEU A 146 -11.30 7.00 0.61
CA LEU A 146 -12.29 7.16 1.67
C LEU A 146 -13.68 6.71 1.24
N PHE A 147 -14.12 7.12 0.04
CA PHE A 147 -15.44 6.67 -0.44
C PHE A 147 -15.48 5.14 -0.54
N GLU A 148 -14.37 4.53 -0.97
CA GLU A 148 -14.29 3.08 -1.03
C GLU A 148 -14.46 2.45 0.34
N TYR A 149 -13.74 2.99 1.34
CA TYR A 149 -13.83 2.44 2.68
C TYR A 149 -15.25 2.56 3.23
N ALA A 150 -15.91 3.70 2.98
CA ALA A 150 -17.27 3.90 3.46
C ALA A 150 -18.20 2.82 2.92
N GLY A 151 -18.08 2.50 1.64
CA GLY A 151 -18.86 1.41 1.08
C GLY A 151 -18.55 0.07 1.74
N LYS A 152 -17.27 -0.16 2.03
CA LYS A 152 -16.87 -1.42 2.67
C LYS A 152 -17.42 -1.55 4.09
N TRP A 153 -17.40 -0.49 4.90
CA TRP A 153 -17.92 -0.67 6.26
C TRP A 153 -19.43 -0.63 6.28
N ARG A 154 -20.06 0.08 5.34
CA ARG A 154 -21.51 0.02 5.21
C ARG A 154 -21.97 -1.38 4.76
N ASN A 155 -21.23 -2.01 3.84
CA ASN A 155 -21.48 -3.41 3.52
C ASN A 155 -21.33 -4.29 4.76
N ILE A 156 -20.31 -4.03 5.58
CA ILE A 156 -20.13 -4.82 6.79
C ILE A 156 -21.35 -4.68 7.68
N ARG A 157 -21.86 -3.44 7.82
CA ARG A 157 -23.00 -3.20 8.69
C ARG A 157 -24.20 -4.06 8.26
N VAL A 158 -24.38 -4.29 6.97
CA VAL A 158 -25.60 -4.95 6.50
C VAL A 158 -25.39 -6.44 6.18
N GLN A 159 -24.16 -6.86 5.85
CA GLN A 159 -23.95 -8.26 5.46
C GLN A 159 -22.68 -8.89 6.04
N GLY A 160 -21.95 -8.20 6.94
CA GLY A 160 -20.68 -8.70 7.46
C GLY A 160 -19.61 -8.59 6.39
N PRO A 161 -18.38 -9.09 6.67
CA PRO A 161 -18.06 -9.71 7.96
C PRO A 161 -17.43 -8.73 8.97
N THR A 162 -17.89 -8.76 10.22
CA THR A 162 -17.28 -7.86 11.21
C THR A 162 -15.84 -8.23 11.54
N THR A 163 -15.37 -9.43 11.15
CA THR A 163 -13.96 -9.72 11.36
C THR A 163 -13.06 -8.87 10.48
N PHE A 164 -13.60 -8.20 9.46
CA PHE A 164 -12.82 -7.25 8.68
C PHE A 164 -12.77 -5.86 9.32
N LEU A 165 -13.66 -5.56 10.27
CA LEU A 165 -13.80 -4.20 10.78
C LEU A 165 -12.56 -3.64 11.46
N PRO A 166 -11.86 -4.37 12.32
CA PRO A 166 -10.65 -3.78 12.93
C PRO A 166 -9.59 -3.40 11.90
N SER A 167 -9.30 -4.29 10.94
CA SER A 167 -8.33 -3.99 9.90
C SER A 167 -8.81 -2.80 9.07
N LEU A 168 -10.09 -2.78 8.72
CA LEU A 168 -10.61 -1.67 7.92
C LEU A 168 -10.53 -0.34 8.69
N THR A 169 -10.81 -0.38 10.00
CA THR A 169 -10.74 0.82 10.82
C THR A 169 -9.33 1.38 10.85
N VAL A 170 -8.34 0.49 10.96
CA VAL A 170 -6.95 0.91 10.87
C VAL A 170 -6.69 1.58 9.53
N GLN A 171 -7.20 0.99 8.44
CA GLN A 171 -6.98 1.60 7.13
C GLN A 171 -7.58 2.98 7.04
N VAL A 172 -8.79 3.16 7.59
CA VAL A 172 -9.46 4.44 7.51
C VAL A 172 -8.70 5.49 8.32
N ALA A 173 -8.24 5.12 9.51
CA ALA A 173 -7.46 6.06 10.33
C ALA A 173 -6.18 6.50 9.62
N MET A 174 -5.52 5.55 8.93
CA MET A 174 -4.31 5.87 8.17
C MET A 174 -4.64 6.79 7.00
N ALA A 175 -5.76 6.53 6.33
CA ALA A 175 -6.18 7.39 5.23
C ALA A 175 -6.52 8.78 5.75
N GLY A 176 -7.18 8.87 6.91
CA GLY A 176 -7.40 10.19 7.51
C GLY A 176 -6.10 10.91 7.82
N ALA A 177 -5.07 10.17 8.24
CA ALA A 177 -3.78 10.79 8.50
C ALA A 177 -3.11 11.25 7.21
N MET A 178 -3.32 10.55 6.10
CA MET A 178 -2.82 11.08 4.83
C MET A 178 -3.54 12.37 4.44
N LEU A 179 -4.85 12.42 4.62
CA LEU A 179 -5.60 13.64 4.34
C LEU A 179 -5.04 14.84 5.13
N ILE A 180 -4.82 14.63 6.42
CA ILE A 180 -4.29 15.69 7.26
C ILE A 180 -2.89 16.07 6.84
N GLY A 181 -2.07 15.08 6.50
CA GLY A 181 -0.70 15.37 6.11
C GLY A 181 -0.62 16.11 4.78
N LEU A 182 -1.47 15.73 3.83
CA LEU A 182 -1.49 16.45 2.56
C LEU A 182 -1.94 17.89 2.76
N HIS A 183 -2.95 18.09 3.62
CA HIS A 183 -3.49 19.43 3.87
C HIS A 183 -2.46 20.34 4.49
N HIS A 184 -1.74 19.86 5.51
CA HIS A 184 -0.71 20.61 6.22
C HIS A 184 0.67 20.47 5.61
N ARG A 185 0.78 19.74 4.49
CA ARG A 185 2.04 19.54 3.79
C ARG A 185 3.13 19.06 4.74
N ILE A 186 2.82 17.99 5.47
CA ILE A 186 3.77 17.43 6.42
C ILE A 186 4.03 15.97 6.11
N CYS A 187 5.28 15.59 6.22
CA CYS A 187 5.73 14.23 6.01
C CYS A 187 6.01 13.61 7.36
N TYR A 188 5.27 12.56 7.70
CA TYR A 188 5.47 11.92 9.00
C TYR A 188 6.87 11.32 9.08
N THR A 189 7.43 11.34 10.30
CA THR A 189 8.81 10.93 10.47
C THR A 189 8.97 9.42 10.32
N THR A 190 8.18 8.63 11.07
CA THR A 190 8.25 7.18 11.03
C THR A 190 6.86 6.61 10.84
N SER A 191 6.80 5.35 10.40
CA SER A 191 5.52 4.65 10.38
C SER A 191 4.84 4.76 11.74
N ALA A 192 5.62 4.63 12.79
CA ALA A 192 5.04 4.52 14.11
C ALA A 192 4.45 5.84 14.62
N SER A 193 4.85 7.00 14.08
CA SER A 193 4.38 8.26 14.62
C SER A 193 3.24 8.88 13.81
N VAL A 194 2.78 8.21 12.75
CA VAL A 194 1.80 8.80 11.87
C VAL A 194 0.55 9.23 12.64
N LEU A 195 -0.05 8.31 13.39
CA LEU A 195 -1.32 8.64 14.03
C LEU A 195 -1.13 9.62 15.20
N THR A 196 -0.09 9.45 16.00
CA THR A 196 0.11 10.41 17.10
C THR A 196 0.40 11.81 16.55
N GLU A 197 1.15 11.91 15.44
CA GLU A 197 1.38 13.22 14.83
C GLU A 197 0.14 13.76 14.14
N ALA A 198 -0.64 12.88 13.48
CA ALA A 198 -1.84 13.36 12.79
C ALA A 198 -2.83 13.98 13.77
N VAL A 199 -3.03 13.36 14.93
CA VAL A 199 -4.07 13.89 15.82
C VAL A 199 -3.61 15.12 16.58
N LYS A 200 -2.34 15.47 16.52
CA LYS A 200 -1.88 16.71 17.14
C LYS A 200 -2.06 17.92 16.24
N GLN A 201 -2.44 17.72 14.98
CA GLN A 201 -2.56 18.85 14.07
C GLN A 201 -3.84 19.63 14.33
N SER A 202 -3.86 20.84 13.81
CA SER A 202 -5.07 21.65 13.90
C SER A 202 -5.99 21.29 12.74
N ASP A 203 -7.22 21.83 12.75
N ASP A 203 -7.24 21.75 12.88
CA ASP A 203 -8.18 21.62 11.67
CA ASP A 203 -8.23 21.64 11.83
C ASP A 203 -8.50 20.14 11.44
C ASP A 203 -8.52 20.19 11.48
N LEU A 204 -8.68 19.35 12.50
CA LEU A 204 -9.00 17.95 12.25
C LEU A 204 -10.45 17.86 11.81
N PRO A 205 -10.78 16.96 10.88
CA PRO A 205 -12.19 16.68 10.64
C PRO A 205 -12.83 16.12 11.91
N SER A 206 -14.08 16.50 12.16
N SER A 206 -14.10 16.47 12.12
CA SER A 206 -14.78 15.96 13.32
CA SER A 206 -14.85 15.93 13.25
C SER A 206 -14.84 14.43 13.21
C SER A 206 -14.84 14.40 13.20
N GLY A 207 -14.80 13.78 14.37
CA GLY A 207 -14.79 12.32 14.44
C GLY A 207 -13.43 11.66 14.24
N TYR A 208 -12.43 12.38 13.73
CA TYR A 208 -11.15 11.73 13.44
C TYR A 208 -10.40 11.36 14.71
N ASP A 209 -10.28 12.30 15.67
CA ASP A 209 -9.56 11.99 16.89
C ASP A 209 -10.21 10.81 17.60
N HIS A 210 -11.53 10.82 17.69
CA HIS A 210 -12.25 9.72 18.34
C HIS A 210 -11.97 8.38 17.66
N LEU A 211 -12.00 8.36 16.33
CA LEU A 211 -11.74 7.12 15.62
C LEU A 211 -10.35 6.60 15.93
N CYS A 212 -9.38 7.50 15.92
CA CYS A 212 -7.99 7.11 16.15
C CYS A 212 -7.79 6.56 17.55
N GLN A 213 -8.58 6.99 18.53
CA GLN A 213 -8.40 6.46 19.88
C GLN A 213 -8.64 4.95 19.90
N PHE A 214 -9.64 4.46 19.16
CA PHE A 214 -9.83 3.02 19.04
C PHE A 214 -8.62 2.34 18.44
N VAL A 215 -8.05 2.95 17.41
CA VAL A 215 -6.93 2.37 16.67
C VAL A 215 -5.69 2.40 17.54
N MET A 216 -5.46 3.53 18.23
CA MET A 216 -4.24 3.64 19.05
C MET A 216 -4.31 2.79 20.32
N SER A 217 -5.49 2.65 20.92
CA SER A 217 -5.61 1.82 22.12
C SER A 217 -5.73 0.34 21.78
N GLY A 218 -6.03 0.02 20.54
CA GLY A 218 -6.27 -1.35 20.18
C GLY A 218 -7.62 -1.87 20.62
N GLN A 219 -8.51 -1.01 21.10
N GLN A 219 -8.51 -1.00 21.09
CA GLN A 219 -9.86 -1.43 21.47
CA GLN A 219 -9.86 -1.41 21.47
C GLN A 219 -10.73 -1.41 20.20
C GLN A 219 -10.73 -1.41 20.22
N LEU A 220 -10.62 -2.50 19.43
CA LEU A 220 -11.30 -2.59 18.13
C LEU A 220 -12.33 -3.70 18.08
N SER A 221 -12.82 -4.17 19.24
CA SER A 221 -13.76 -5.30 19.28
C SER A 221 -15.23 -4.89 19.33
N ASP A 222 -15.54 -3.65 19.71
CA ASP A 222 -16.94 -3.21 19.77
C ASP A 222 -17.37 -2.72 18.39
N SER A 223 -17.97 -3.60 17.60
CA SER A 223 -18.23 -3.30 16.20
C SER A 223 -19.25 -2.20 16.02
N GLU A 224 -20.26 -2.11 16.90
CA GLU A 224 -21.25 -1.04 16.77
C GLU A 224 -20.63 0.33 17.04
N LYS A 225 -19.76 0.43 18.05
CA LYS A 225 -19.10 1.69 18.30
C LYS A 225 -18.17 2.07 17.16
N LEU A 226 -17.46 1.09 16.58
CA LEU A 226 -16.59 1.41 15.45
C LEU A 226 -17.40 1.92 14.28
N LEU A 227 -18.50 1.24 13.97
CA LEU A 227 -19.32 1.68 12.83
C LEU A 227 -19.90 3.06 13.08
N GLU A 228 -20.31 3.34 14.31
CA GLU A 228 -20.80 4.69 14.59
C GLU A 228 -19.69 5.71 14.43
N SER A 229 -18.48 5.36 14.86
N SER A 229 -18.47 5.36 14.87
CA SER A 229 -17.37 6.31 14.78
CA SER A 229 -17.33 6.26 14.81
C SER A 229 -16.92 6.53 13.35
C SER A 229 -16.92 6.53 13.36
N LEU A 230 -16.95 5.49 12.52
CA LEU A 230 -16.63 5.65 11.10
C LEU A 230 -17.63 6.57 10.42
N GLU A 231 -18.92 6.37 10.69
CA GLU A 231 -19.96 7.25 10.14
C GLU A 231 -19.76 8.69 10.59
N ASN A 232 -19.41 8.92 11.86
CA ASN A 232 -19.20 10.30 12.30
C ASN A 232 -17.98 10.91 11.62
N PHE A 233 -16.91 10.13 11.51
CA PHE A 233 -15.75 10.62 10.79
C PHE A 233 -16.08 10.89 9.32
N TRP A 234 -16.86 10.02 8.69
CA TRP A 234 -17.27 10.26 7.31
C TRP A 234 -18.08 11.54 7.18
N ASN A 235 -18.98 11.79 8.14
CA ASN A 235 -19.67 13.09 8.18
C ASN A 235 -18.68 14.23 8.37
N GLY A 236 -17.75 14.07 9.30
CA GLY A 236 -16.77 15.12 9.53
C GLY A 236 -15.97 15.44 8.30
N ILE A 237 -15.64 14.42 7.50
CA ILE A 237 -14.92 14.63 6.24
C ILE A 237 -15.70 15.57 5.33
N GLN A 238 -17.00 15.32 5.17
CA GLN A 238 -17.81 16.10 4.23
C GLN A 238 -17.83 17.58 4.61
N GLU A 239 -18.01 17.88 5.90
CA GLU A 239 -18.00 19.27 6.35
C GLU A 239 -16.62 19.89 6.14
N TRP A 240 -15.60 19.13 6.48
CA TRP A 240 -14.22 19.61 6.45
C TRP A 240 -13.77 19.92 5.03
N THR A 241 -14.05 19.02 4.09
CA THR A 241 -13.58 19.24 2.73
C THR A 241 -14.30 20.41 2.10
N GLU A 242 -15.59 20.56 2.40
CA GLU A 242 -16.29 21.70 1.83
C GLU A 242 -15.77 22.99 2.44
N ARG A 243 -15.49 22.95 3.75
CA ARG A 243 -14.99 24.13 4.42
C ARG A 243 -13.64 24.58 3.84
N HIS A 244 -12.74 23.62 3.53
CA HIS A 244 -11.40 23.92 3.05
C HIS A 244 -11.28 23.98 1.53
N GLY A 245 -12.38 23.80 0.78
CA GLY A 245 -12.40 23.92 -0.65
C GLY A 245 -11.94 22.72 -1.43
N TYR A 246 -11.85 21.54 -0.78
CA TYR A 246 -11.50 20.30 -1.50
C TYR A 246 -12.78 19.69 -2.01
N ILE A 247 -13.28 20.27 -3.09
CA ILE A 247 -14.60 19.91 -3.59
C ILE A 247 -14.43 18.83 -4.65
N VAL A 248 -15.12 17.72 -4.45
CA VAL A 248 -15.05 16.60 -5.38
C VAL A 248 -16.14 16.79 -6.42
N ASP A 249 -15.77 16.66 -7.69
CA ASP A 249 -16.75 16.77 -8.77
C ASP A 249 -17.67 15.55 -8.73
N VAL A 250 -18.95 15.77 -8.46
CA VAL A 250 -19.93 14.70 -8.51
C VAL A 250 -20.97 14.94 -9.61
N SER A 251 -20.67 15.86 -10.55
CA SER A 251 -21.69 16.29 -11.52
C SER A 251 -21.84 15.34 -12.71
N LYS A 252 -20.81 14.58 -13.08
CA LYS A 252 -20.84 13.75 -14.29
C LYS A 252 -21.24 12.32 -13.95
N ARG A 253 -22.18 11.78 -14.71
CA ARG A 253 -22.48 10.37 -14.59
C ARG A 253 -21.34 9.54 -15.16
N ILE A 254 -20.84 9.94 -16.31
CA ILE A 254 -19.63 9.32 -16.94
C ILE A 254 -18.77 10.49 -17.37
N PRO A 255 -17.57 10.67 -16.82
CA PRO A 255 -16.81 11.91 -17.07
C PRO A 255 -15.87 11.85 -18.26
N PHE A 256 -16.10 10.97 -19.21
CA PHE A 256 -15.26 10.96 -20.40
C PHE A 256 -16.12 10.75 -21.62
N MET B 4 -22.66 15.12 -0.03
CA MET B 4 -22.20 13.77 -0.38
C MET B 4 -22.41 12.82 0.81
N ASN B 5 -23.56 12.16 0.83
CA ASN B 5 -23.91 11.21 1.88
C ASN B 5 -23.76 9.76 1.44
N GLY B 6 -23.39 9.52 0.16
CA GLY B 6 -23.19 8.18 -0.34
C GLY B 6 -21.91 7.57 0.19
N PRO B 7 -21.65 6.32 -0.20
CA PRO B 7 -22.39 5.49 -1.16
C PRO B 7 -23.73 4.97 -0.62
N ILE B 8 -24.65 4.73 -1.53
CA ILE B 8 -26.01 4.32 -1.17
C ILE B 8 -26.18 2.84 -1.51
N ILE B 9 -27.32 2.31 -1.07
CA ILE B 9 -27.71 0.95 -1.41
C ILE B 9 -28.07 0.91 -2.88
N MET B 10 -27.58 -0.11 -3.59
CA MET B 10 -27.92 -0.31 -4.99
C MET B 10 -28.14 -1.80 -5.23
N THR B 11 -28.94 -2.10 -6.24
CA THR B 11 -29.14 -3.47 -6.66
C THR B 11 -28.15 -3.82 -7.76
N ARG B 12 -27.97 -5.12 -7.97
CA ARG B 12 -27.16 -5.59 -9.08
C ARG B 12 -27.72 -5.09 -10.41
N GLU B 13 -29.05 -5.08 -10.54
N GLU B 13 -29.05 -5.07 -10.53
CA GLU B 13 -29.69 -4.58 -11.74
CA GLU B 13 -29.67 -4.59 -11.76
C GLU B 13 -29.28 -3.14 -12.04
C GLU B 13 -29.29 -3.14 -12.04
N GLU B 14 -29.28 -2.29 -11.01
CA GLU B 14 -28.90 -0.90 -11.16
C GLU B 14 -27.43 -0.75 -11.52
N ARG B 15 -26.58 -1.60 -10.93
CA ARG B 15 -25.15 -1.57 -11.26
C ARG B 15 -24.90 -1.97 -12.69
N MET B 16 -25.59 -3.02 -13.18
CA MET B 16 -25.39 -3.46 -14.56
C MET B 16 -25.90 -2.44 -15.56
N LYS B 17 -26.96 -1.72 -15.21
CA LYS B 17 -27.42 -0.62 -16.07
C LYS B 17 -26.30 0.40 -16.26
N ILE B 18 -25.61 0.76 -15.17
CA ILE B 18 -24.47 1.69 -15.22
C ILE B 18 -23.32 1.11 -16.06
N VAL B 19 -23.01 -0.18 -15.86
CA VAL B 19 -21.96 -0.83 -16.63
C VAL B 19 -22.22 -0.69 -18.13
N HIS B 20 -23.45 -0.98 -18.56
CA HIS B 20 -23.72 -0.92 -20.01
C HIS B 20 -23.77 0.51 -20.54
N GLU B 21 -24.11 1.49 -19.70
CA GLU B 21 -24.00 2.88 -20.15
C GLU B 21 -22.55 3.25 -20.38
N ILE B 22 -21.66 2.83 -19.46
CA ILE B 22 -20.24 3.07 -19.60
C ILE B 22 -19.70 2.35 -20.83
N LYS B 23 -20.13 1.10 -21.05
CA LYS B 23 -19.73 0.37 -22.26
C LYS B 23 -20.08 1.18 -23.50
N GLU B 24 -21.30 1.71 -23.54
CA GLU B 24 -21.72 2.46 -24.72
C GLU B 24 -20.86 3.70 -24.92
N ARG B 25 -20.55 4.41 -23.83
CA ARG B 25 -19.70 5.59 -23.94
C ARG B 25 -18.29 5.22 -24.41
N ILE B 26 -17.74 4.13 -23.88
CA ILE B 26 -16.40 3.70 -24.29
C ILE B 26 -16.37 3.37 -25.78
N LEU B 27 -17.38 2.65 -26.27
CA LEU B 27 -17.40 2.31 -27.68
C LEU B 27 -17.66 3.53 -28.57
N ASP B 28 -18.49 4.46 -28.09
CA ASP B 28 -18.73 5.70 -28.83
C ASP B 28 -17.44 6.51 -28.95
N LYS B 29 -16.67 6.59 -27.87
CA LYS B 29 -15.50 7.47 -27.83
C LYS B 29 -14.30 6.86 -28.54
N TYR B 30 -14.03 5.56 -28.34
CA TYR B 30 -12.81 4.95 -28.86
C TYR B 30 -13.05 4.00 -30.03
N GLY B 31 -14.28 3.60 -30.30
CA GLY B 31 -14.61 2.87 -31.52
C GLY B 31 -13.77 1.63 -31.73
N ASP B 32 -13.15 1.54 -32.91
CA ASP B 32 -12.43 0.33 -33.29
C ASP B 32 -11.12 0.15 -32.53
N ASP B 33 -10.68 1.13 -31.74
CA ASP B 33 -9.50 0.94 -30.88
C ASP B 33 -9.80 0.08 -29.66
N VAL B 34 -11.07 -0.18 -29.36
CA VAL B 34 -11.48 -1.00 -28.22
C VAL B 34 -11.43 -2.46 -28.61
N LYS B 35 -10.57 -3.22 -27.96
CA LYS B 35 -10.51 -4.64 -28.20
C LYS B 35 -11.52 -5.42 -27.34
N ALA B 36 -11.66 -5.03 -26.08
CA ALA B 36 -12.53 -5.75 -25.16
C ALA B 36 -12.87 -4.87 -23.96
N ILE B 37 -13.99 -5.18 -23.31
CA ILE B 37 -14.43 -4.52 -22.09
C ILE B 37 -14.91 -5.61 -21.13
N GLY B 38 -14.46 -5.57 -19.87
CA GLY B 38 -14.89 -6.54 -18.89
C GLY B 38 -15.22 -5.83 -17.58
N VAL B 39 -16.06 -6.48 -16.78
CA VAL B 39 -16.35 -6.07 -15.42
C VAL B 39 -15.54 -6.99 -14.51
N TYR B 40 -14.84 -6.42 -13.52
CA TYR B 40 -14.19 -7.34 -12.59
C TYR B 40 -14.65 -7.04 -11.16
N GLY B 41 -13.96 -7.61 -10.15
CA GLY B 41 -14.41 -7.40 -8.78
C GLY B 41 -15.70 -8.16 -8.49
N SER B 42 -16.39 -7.72 -7.44
CA SER B 42 -17.56 -8.43 -6.96
C SER B 42 -18.66 -8.44 -8.01
N LEU B 43 -18.87 -7.30 -8.66
CA LEU B 43 -19.90 -7.25 -9.72
C LEU B 43 -19.56 -8.20 -10.85
N GLY B 44 -18.26 -8.36 -11.17
CA GLY B 44 -17.90 -9.30 -12.21
C GLY B 44 -18.24 -10.73 -11.83
N ARG B 45 -18.10 -11.06 -10.55
CA ARG B 45 -18.48 -12.40 -10.08
C ARG B 45 -19.96 -12.51 -9.79
N GLN B 46 -20.69 -11.39 -9.92
CA GLN B 46 -22.11 -11.29 -9.59
C GLN B 46 -22.35 -11.64 -8.13
N THR B 47 -21.41 -11.24 -7.27
CA THR B 47 -21.58 -11.36 -5.82
C THR B 47 -21.53 -9.99 -5.15
N ASP B 48 -21.73 -8.92 -5.90
CA ASP B 48 -21.77 -7.59 -5.32
C ASP B 48 -22.87 -7.52 -4.27
N GLY B 49 -22.56 -6.86 -3.16
CA GLY B 49 -23.52 -6.62 -2.13
C GLY B 49 -24.12 -5.23 -2.23
N PRO B 50 -24.92 -4.87 -1.24
CA PRO B 50 -25.65 -3.60 -1.30
C PRO B 50 -24.80 -2.35 -1.56
N TYR B 51 -23.54 -2.31 -1.10
CA TYR B 51 -22.76 -1.07 -1.17
C TYR B 51 -21.54 -1.11 -2.10
N SER B 52 -21.45 -2.08 -3.01
CA SER B 52 -20.22 -2.31 -3.77
C SER B 52 -19.90 -1.18 -4.74
N ASP B 53 -18.61 -1.06 -5.05
CA ASP B 53 -18.18 -0.18 -6.12
C ASP B 53 -18.25 -0.94 -7.45
N ILE B 54 -17.97 -0.21 -8.53
CA ILE B 54 -18.00 -0.74 -9.89
C ILE B 54 -16.60 -0.67 -10.47
N GLU B 55 -16.12 -1.80 -10.99
CA GLU B 55 -14.77 -1.89 -11.54
C GLU B 55 -14.80 -2.49 -12.93
N MET B 56 -14.25 -1.78 -13.91
CA MET B 56 -14.25 -2.24 -15.29
C MET B 56 -12.86 -2.11 -15.88
N MET B 57 -12.58 -2.95 -16.89
N MET B 57 -12.58 -2.93 -16.89
CA MET B 57 -11.29 -2.97 -17.56
CA MET B 57 -11.30 -2.80 -17.56
C MET B 57 -11.50 -3.01 -19.07
C MET B 57 -11.51 -2.87 -19.07
N CYS B 58 -10.66 -2.25 -19.78
N CYS B 58 -10.66 -2.16 -19.78
CA CYS B 58 -10.77 -2.11 -21.22
CA CYS B 58 -10.71 -2.10 -21.23
C CYS B 58 -9.42 -2.43 -21.85
C CYS B 58 -9.37 -2.52 -21.80
N VAL B 59 -9.41 -3.32 -22.84
CA VAL B 59 -8.23 -3.63 -23.62
C VAL B 59 -8.30 -2.78 -24.89
N MET B 60 -7.24 -2.00 -25.11
CA MET B 60 -7.11 -1.07 -26.21
C MET B 60 -6.08 -1.57 -27.21
N SER B 61 -6.26 -1.22 -28.48
CA SER B 61 -5.25 -1.55 -29.47
C SER B 61 -4.14 -0.51 -29.51
N THR B 62 -4.42 0.71 -29.04
CA THR B 62 -3.46 1.79 -29.06
C THR B 62 -2.17 1.41 -28.32
N GLU B 63 -1.05 1.55 -29.01
CA GLU B 63 0.25 1.29 -28.45
C GLU B 63 0.51 2.26 -27.29
N GLU B 64 1.02 1.71 -26.18
CA GLU B 64 1.36 2.45 -24.98
C GLU B 64 0.15 3.04 -24.26
N ALA B 65 -1.07 2.59 -24.57
CA ALA B 65 -2.25 3.08 -23.85
C ALA B 65 -2.20 2.57 -22.41
N GLU B 66 -2.28 3.51 -21.46
CA GLU B 66 -2.27 3.16 -20.04
C GLU B 66 -2.88 4.36 -19.30
N PHE B 67 -4.19 4.30 -19.07
CA PHE B 67 -4.86 5.36 -18.33
C PHE B 67 -6.10 4.80 -17.65
N SER B 68 -6.66 5.60 -16.75
N SER B 68 -6.64 5.59 -16.71
CA SER B 68 -7.83 5.16 -16.00
CA SER B 68 -7.81 5.17 -15.95
C SER B 68 -8.72 6.35 -15.71
C SER B 68 -8.74 6.37 -15.76
N HIS B 69 -10.01 6.06 -15.51
CA HIS B 69 -10.98 7.05 -15.06
C HIS B 69 -11.66 6.49 -13.83
N GLU B 70 -11.58 7.26 -12.74
CA GLU B 70 -12.10 6.85 -11.44
C GLU B 70 -12.85 8.04 -10.86
N TRP B 71 -14.13 7.87 -10.59
CA TRP B 71 -14.96 9.02 -10.28
C TRP B 71 -16.12 8.58 -9.40
N THR B 72 -16.79 9.56 -8.84
CA THR B 72 -17.99 9.29 -8.06
C THR B 72 -19.09 10.23 -8.51
N THR B 73 -20.33 9.76 -8.38
CA THR B 73 -21.49 10.62 -8.47
C THR B 73 -21.96 11.07 -7.11
N GLY B 74 -21.23 10.75 -6.05
CA GLY B 74 -21.69 10.97 -4.71
C GLY B 74 -22.52 9.85 -4.12
N GLU B 75 -23.19 9.06 -4.96
CA GLU B 75 -23.94 7.88 -4.55
C GLU B 75 -23.25 6.57 -4.91
N TRP B 76 -22.45 6.54 -5.99
CA TRP B 76 -21.64 5.35 -6.32
C TRP B 76 -20.33 5.80 -6.94
N LYS B 77 -19.42 4.84 -7.06
CA LYS B 77 -18.06 5.07 -7.53
C LYS B 77 -17.72 4.07 -8.62
N VAL B 78 -17.00 4.52 -9.64
CA VAL B 78 -16.58 3.67 -10.74
C VAL B 78 -15.09 3.86 -10.97
N GLU B 79 -14.40 2.77 -11.28
CA GLU B 79 -13.04 2.80 -11.79
C GLU B 79 -13.03 2.06 -13.11
N VAL B 80 -12.54 2.70 -14.16
CA VAL B 80 -12.36 2.07 -15.46
C VAL B 80 -10.88 2.20 -15.84
N ASN B 81 -10.24 1.05 -16.06
CA ASN B 81 -8.85 1.01 -16.51
C ASN B 81 -8.79 0.72 -18.01
N PHE B 82 -7.89 1.42 -18.70
CA PHE B 82 -7.66 1.25 -20.14
C PHE B 82 -6.21 0.89 -20.37
N ASP B 83 -5.95 -0.27 -20.94
CA ASP B 83 -4.59 -0.73 -21.19
C ASP B 83 -4.46 -1.35 -22.58
N SER B 84 -3.32 -1.12 -23.22
CA SER B 84 -3.02 -1.88 -24.42
C SER B 84 -2.89 -3.34 -24.05
N GLU B 85 -3.09 -4.19 -25.04
CA GLU B 85 -3.00 -5.62 -24.78
C GLU B 85 -1.64 -6.00 -24.21
N GLU B 86 -0.58 -5.42 -24.77
CA GLU B 86 0.76 -5.76 -24.32
C GLU B 86 0.99 -5.33 -22.88
N ILE B 87 0.56 -4.11 -22.53
CA ILE B 87 0.76 -3.62 -21.17
C ILE B 87 0.00 -4.50 -20.18
N LEU B 88 -1.23 -4.90 -20.54
CA LEU B 88 -2.04 -5.72 -19.64
C LEU B 88 -1.46 -7.11 -19.46
N LEU B 89 -1.01 -7.74 -20.54
CA LEU B 89 -0.49 -9.10 -20.41
C LEU B 89 0.79 -9.10 -19.55
N ASP B 90 1.62 -8.07 -19.71
CA ASP B 90 2.82 -7.96 -18.88
C ASP B 90 2.43 -7.81 -17.41
N TYR B 91 1.46 -6.94 -17.13
CA TYR B 91 1.02 -6.76 -15.75
C TYR B 91 0.46 -8.05 -15.18
N ALA B 92 -0.31 -8.79 -15.99
CA ALA B 92 -0.94 -10.03 -15.56
C ALA B 92 0.06 -11.11 -15.20
N SER B 93 1.28 -11.03 -15.73
CA SER B 93 2.30 -12.04 -15.44
C SER B 93 3.41 -11.56 -14.50
N GLN B 94 3.28 -10.40 -13.87
CA GLN B 94 4.24 -9.97 -12.85
C GLN B 94 3.70 -10.29 -11.46
N VAL B 95 4.54 -10.86 -10.62
CA VAL B 95 4.12 -11.30 -9.29
C VAL B 95 4.88 -10.44 -8.29
N GLU B 96 4.18 -9.48 -7.72
CA GLU B 96 4.68 -8.65 -6.64
C GLU B 96 4.19 -9.20 -5.33
N SER B 97 4.61 -8.55 -4.24
N SER B 97 4.59 -8.55 -4.23
CA SER B 97 4.25 -8.98 -2.89
CA SER B 97 4.24 -9.03 -2.90
C SER B 97 2.74 -8.95 -2.65
C SER B 97 2.74 -8.95 -2.64
N ASP B 98 2.01 -8.10 -3.36
CA ASP B 98 0.57 -8.02 -3.18
C ASP B 98 -0.21 -8.67 -4.32
N TRP B 99 0.43 -9.57 -5.08
CA TRP B 99 -0.29 -10.35 -6.09
C TRP B 99 -1.58 -10.96 -5.54
N PRO B 100 -1.62 -11.50 -4.32
CA PRO B 100 -2.89 -12.10 -3.86
C PRO B 100 -4.01 -11.08 -3.71
N LEU B 101 -3.68 -9.80 -3.64
CA LEU B 101 -4.64 -8.73 -3.48
C LEU B 101 -5.01 -8.09 -4.81
N THR B 102 -4.10 -8.10 -5.78
CA THR B 102 -4.34 -7.38 -7.02
C THR B 102 -4.84 -8.27 -8.14
N HIS B 103 -4.35 -9.50 -8.25
CA HIS B 103 -4.56 -10.28 -9.47
C HIS B 103 -5.82 -11.14 -9.47
N GLY B 104 -6.63 -11.12 -8.41
CA GLY B 104 -7.99 -11.63 -8.52
C GLY B 104 -8.81 -10.93 -9.60
N GLN B 105 -8.41 -9.71 -9.97
CA GLN B 105 -8.99 -9.07 -11.15
C GLN B 105 -9.04 -10.03 -12.34
N PHE B 106 -7.99 -10.81 -12.54
CA PHE B 106 -7.93 -11.63 -13.74
C PHE B 106 -8.68 -12.95 -13.60
N PHE B 107 -9.18 -13.27 -12.41
CA PHE B 107 -10.00 -14.44 -12.16
C PHE B 107 -11.44 -14.05 -11.91
N SER B 108 -11.76 -12.78 -12.11
CA SER B 108 -13.12 -12.31 -11.86
C SER B 108 -13.68 -11.58 -13.08
N ILE B 109 -13.17 -11.87 -14.27
CA ILE B 109 -13.55 -11.06 -15.43
C ILE B 109 -14.87 -11.57 -15.98
N LEU B 110 -15.83 -10.68 -16.06
CA LEU B 110 -17.09 -10.83 -16.80
C LEU B 110 -16.92 -10.07 -18.10
N PRO B 111 -16.63 -10.74 -19.22
CA PRO B 111 -16.57 -10.02 -20.51
C PRO B 111 -17.95 -9.54 -20.89
N ILE B 112 -18.06 -8.27 -21.28
CA ILE B 112 -19.30 -7.77 -21.86
C ILE B 112 -19.13 -7.35 -23.32
N TYR B 113 -17.88 -7.22 -23.79
CA TYR B 113 -17.53 -6.94 -25.16
C TYR B 113 -16.16 -7.52 -25.43
N ASP B 114 -16.02 -8.28 -26.51
CA ASP B 114 -14.69 -8.81 -26.80
C ASP B 114 -14.63 -9.15 -28.28
N SER B 115 -13.73 -8.48 -29.01
N SER B 115 -13.75 -8.46 -29.01
CA SER B 115 -13.67 -8.59 -30.47
CA SER B 115 -13.66 -8.59 -30.47
C SER B 115 -12.71 -9.67 -30.95
C SER B 115 -12.81 -9.76 -30.93
N GLY B 116 -12.04 -10.37 -30.04
CA GLY B 116 -11.12 -11.40 -30.47
C GLY B 116 -10.46 -12.21 -29.37
N GLY B 117 -11.24 -12.72 -28.42
CA GLY B 117 -10.72 -13.58 -27.37
C GLY B 117 -9.69 -12.91 -26.48
N TYR B 118 -9.73 -11.58 -26.36
CA TYR B 118 -8.67 -10.86 -25.65
C TYR B 118 -8.71 -11.09 -24.15
N LEU B 119 -9.91 -11.06 -23.55
CA LEU B 119 -10.00 -11.29 -22.10
C LEU B 119 -9.65 -12.74 -21.75
N GLU B 120 -10.00 -13.69 -22.62
CA GLU B 120 -9.58 -15.06 -22.44
C GLU B 120 -8.06 -15.16 -22.44
N LYS B 121 -7.40 -14.46 -23.36
CA LYS B 121 -5.93 -14.46 -23.36
C LYS B 121 -5.38 -13.90 -22.05
N VAL B 122 -5.97 -12.82 -21.55
CA VAL B 122 -5.53 -12.22 -20.29
C VAL B 122 -5.61 -13.24 -19.15
N TYR B 123 -6.74 -13.96 -19.08
CA TYR B 123 -6.93 -14.96 -18.03
C TYR B 123 -5.91 -16.08 -18.13
N GLN B 124 -5.68 -16.57 -19.35
CA GLN B 124 -4.73 -17.64 -19.54
C GLN B 124 -3.32 -17.21 -19.12
N THR B 125 -2.94 -15.97 -19.45
CA THR B 125 -1.63 -15.45 -19.05
C THR B 125 -1.53 -15.38 -17.53
N ALA B 126 -2.58 -14.88 -16.87
CA ALA B 126 -2.56 -14.73 -15.42
C ALA B 126 -2.50 -16.07 -14.70
N LYS B 127 -3.15 -17.09 -15.26
CA LYS B 127 -3.21 -18.35 -14.57
C LYS B 127 -2.05 -19.27 -14.91
N SER B 128 -1.14 -18.85 -15.79
N SER B 128 -1.15 -18.86 -15.81
CA SER B 128 -0.05 -19.70 -16.25
CA SER B 128 -0.05 -19.70 -16.25
C SER B 128 1.32 -19.18 -15.83
C SER B 128 1.32 -19.16 -15.84
N VAL B 129 1.38 -18.29 -14.84
CA VAL B 129 2.66 -17.72 -14.42
C VAL B 129 3.57 -18.81 -13.85
N GLU B 130 4.85 -18.76 -14.21
CA GLU B 130 5.83 -19.78 -13.78
C GLU B 130 6.11 -19.72 -12.28
N ALA B 131 6.40 -20.91 -11.73
CA ALA B 131 6.58 -21.06 -10.29
C ALA B 131 7.71 -20.19 -9.75
N GLN B 132 8.78 -19.97 -10.54
CA GLN B 132 9.91 -19.17 -10.06
C GLN B 132 9.47 -17.77 -9.64
N LYS B 133 8.47 -17.21 -10.32
CA LYS B 133 8.05 -15.86 -9.97
C LYS B 133 7.42 -15.81 -8.57
N PHE B 134 6.68 -16.86 -8.20
CA PHE B 134 6.11 -16.91 -6.86
C PHE B 134 7.19 -17.17 -5.83
N HIS B 135 8.14 -18.05 -6.15
CA HIS B 135 9.27 -18.25 -5.26
C HIS B 135 10.05 -16.95 -5.01
N ASP B 136 10.35 -16.20 -6.07
CA ASP B 136 11.13 -14.98 -5.90
C ASP B 136 10.36 -13.96 -5.08
N ALA B 137 9.04 -13.88 -5.32
CA ALA B 137 8.21 -12.89 -4.62
C ALA B 137 8.07 -13.23 -3.15
N ILE B 138 8.01 -14.50 -2.80
CA ILE B 138 7.98 -14.88 -1.40
C ILE B 138 9.30 -14.53 -0.74
N CYS B 139 10.42 -14.87 -1.39
CA CYS B 139 11.72 -14.52 -0.78
C CYS B 139 11.82 -13.01 -0.58
N ALA B 140 11.32 -12.23 -1.53
CA ALA B 140 11.39 -10.77 -1.40
C ALA B 140 10.49 -10.27 -0.28
N LEU B 141 9.31 -10.88 -0.13
CA LEU B 141 8.38 -10.46 0.91
C LEU B 141 8.98 -10.64 2.31
N ILE B 142 9.69 -11.77 2.52
N ILE B 142 9.69 -11.77 2.53
CA ILE B 142 10.34 -12.03 3.81
CA ILE B 142 10.32 -12.03 3.82
C ILE B 142 11.31 -10.91 4.16
C ILE B 142 11.31 -10.92 4.17
N VAL B 143 12.14 -10.54 3.20
CA VAL B 143 13.16 -9.50 3.45
C VAL B 143 12.54 -8.11 3.53
N GLU B 144 11.72 -7.75 2.53
CA GLU B 144 11.30 -6.36 2.39
C GLU B 144 10.20 -5.97 3.36
N GLU B 145 9.37 -6.92 3.79
CA GLU B 145 8.25 -6.56 4.65
C GLU B 145 8.36 -7.25 6.00
N LEU B 146 8.41 -8.59 6.04
CA LEU B 146 8.33 -9.25 7.33
C LEU B 146 9.52 -8.89 8.22
N PHE B 147 10.74 -8.92 7.67
CA PHE B 147 11.92 -8.59 8.48
C PHE B 147 11.84 -7.14 8.97
N GLU B 148 11.35 -6.26 8.13
CA GLU B 148 11.14 -4.87 8.52
C GLU B 148 10.15 -4.77 9.67
N TYR B 149 9.02 -5.48 9.59
CA TYR B 149 8.03 -5.38 10.67
C TYR B 149 8.59 -5.91 11.99
N ALA B 150 9.38 -6.96 11.92
CA ALA B 150 9.97 -7.51 13.14
C ALA B 150 10.81 -6.45 13.86
N GLY B 151 11.60 -5.70 13.09
CA GLY B 151 12.37 -4.63 13.69
C GLY B 151 11.47 -3.57 14.29
N LYS B 152 10.35 -3.28 13.62
CA LYS B 152 9.45 -2.26 14.13
C LYS B 152 8.78 -2.70 15.43
N TRP B 153 8.33 -3.97 15.53
CA TRP B 153 7.69 -4.30 16.81
C TRP B 153 8.71 -4.55 17.91
N ARG B 154 9.92 -4.98 17.57
CA ARG B 154 10.97 -5.08 18.58
C ARG B 154 11.39 -3.70 19.09
N ASN B 155 11.46 -2.69 18.21
CA ASN B 155 11.67 -1.31 18.67
C ASN B 155 10.54 -0.86 19.60
N ILE B 156 9.29 -1.23 19.27
CA ILE B 156 8.16 -0.89 20.13
C ILE B 156 8.36 -1.48 21.52
N ARG B 157 8.78 -2.75 21.60
CA ARG B 157 8.99 -3.39 22.90
C ARG B 157 10.00 -2.61 23.75
N VAL B 158 11.02 -2.04 23.13
CA VAL B 158 12.06 -1.44 23.95
C VAL B 158 11.90 0.07 24.10
N GLN B 159 11.26 0.75 23.13
CA GLN B 159 11.20 2.20 23.21
C GLN B 159 9.83 2.78 22.84
N GLY B 160 8.80 1.94 22.66
CA GLY B 160 7.51 2.42 22.23
C GLY B 160 7.49 2.85 20.78
N PRO B 161 6.35 3.37 20.31
CA PRO B 161 5.12 3.51 21.10
C PRO B 161 4.16 2.33 20.92
N THR B 162 3.55 1.88 22.01
CA THR B 162 2.54 0.83 21.89
C THR B 162 1.29 1.31 21.16
N THR B 163 1.12 2.62 20.97
CA THR B 163 -0.03 3.09 20.20
C THR B 163 0.08 2.72 18.74
N PHE B 164 1.26 2.33 18.27
CA PHE B 164 1.45 1.82 16.91
C PHE B 164 1.19 0.31 16.80
N LEU B 165 1.23 -0.40 17.91
CA LEU B 165 1.19 -1.85 17.86
C LEU B 165 -0.10 -2.42 17.27
N PRO B 166 -1.29 -1.91 17.56
CA PRO B 166 -2.47 -2.47 16.87
C PRO B 166 -2.40 -2.34 15.34
N SER B 167 -2.00 -1.18 14.81
CA SER B 167 -1.87 -1.02 13.37
C SER B 167 -0.81 -1.93 12.80
N LEU B 168 0.35 -2.01 13.46
CA LEU B 168 1.42 -2.85 12.96
C LEU B 168 1.00 -4.31 12.95
N THR B 169 0.27 -4.72 13.98
CA THR B 169 -0.17 -6.11 14.03
C THR B 169 -1.08 -6.42 12.84
N VAL B 170 -1.99 -5.51 12.50
CA VAL B 170 -2.82 -5.66 11.30
C VAL B 170 -1.94 -5.78 10.04
N GLN B 171 -0.93 -4.91 9.91
CA GLN B 171 -0.03 -4.98 8.77
C GLN B 171 0.67 -6.33 8.69
N VAL B 172 1.12 -6.83 9.83
CA VAL B 172 1.82 -8.13 9.80
C VAL B 172 0.84 -9.24 9.40
N ALA B 173 -0.37 -9.23 9.93
CA ALA B 173 -1.31 -10.28 9.54
C ALA B 173 -1.60 -10.22 8.04
N MET B 174 -1.68 -9.01 7.49
CA MET B 174 -1.90 -8.86 6.05
C MET B 174 -0.73 -9.38 5.24
N ALA B 175 0.51 -9.09 5.69
CA ALA B 175 1.68 -9.62 4.98
C ALA B 175 1.73 -11.13 5.08
N GLY B 176 1.35 -11.68 6.23
CA GLY B 176 1.25 -13.13 6.32
C GLY B 176 0.23 -13.69 5.37
N ALA B 177 -0.86 -12.96 5.13
CA ALA B 177 -1.82 -13.45 4.15
C ALA B 177 -1.26 -13.39 2.74
N MET B 178 -0.40 -12.40 2.42
CA MET B 178 0.25 -12.39 1.12
C MET B 178 1.19 -13.59 0.97
N LEU B 179 1.93 -13.89 2.03
CA LEU B 179 2.82 -15.04 2.02
C LEU B 179 2.06 -16.32 1.69
N ILE B 180 0.95 -16.53 2.40
CA ILE B 180 0.10 -17.71 2.20
C ILE B 180 -0.51 -17.71 0.80
N GLY B 181 -0.96 -16.55 0.34
CA GLY B 181 -1.57 -16.46 -0.98
C GLY B 181 -0.60 -16.72 -2.11
N LEU B 182 0.63 -16.21 -1.99
CA LEU B 182 1.63 -16.51 -3.00
C LEU B 182 1.98 -17.99 -2.99
N HIS B 183 2.15 -18.56 -1.81
CA HIS B 183 2.54 -19.97 -1.70
C HIS B 183 1.49 -20.88 -2.31
N HIS B 184 0.21 -20.63 -2.02
CA HIS B 184 -0.88 -21.45 -2.56
C HIS B 184 -1.40 -20.96 -3.91
N ARG B 185 -0.84 -19.87 -4.44
CA ARG B 185 -1.26 -19.29 -5.72
C ARG B 185 -2.76 -18.97 -5.67
N ILE B 186 -3.17 -18.26 -4.64
CA ILE B 186 -4.57 -17.92 -4.55
C ILE B 186 -4.70 -16.42 -4.47
N CYS B 187 -5.70 -15.91 -5.16
CA CYS B 187 -6.02 -14.49 -5.18
C CYS B 187 -7.27 -14.32 -4.35
N TYR B 188 -7.18 -13.52 -3.28
CA TYR B 188 -8.33 -13.32 -2.43
C TYR B 188 -9.45 -12.57 -3.15
N THR B 189 -10.69 -12.94 -2.81
CA THR B 189 -11.82 -12.48 -3.59
C THR B 189 -12.13 -11.01 -3.31
N THR B 190 -12.21 -10.62 -2.04
CA THR B 190 -12.46 -9.24 -1.63
C THR B 190 -11.47 -8.82 -0.58
N SER B 191 -11.36 -7.51 -0.35
CA SER B 191 -10.61 -7.00 0.80
C SER B 191 -11.07 -7.66 2.08
N ALA B 192 -12.38 -7.82 2.22
CA ALA B 192 -12.94 -8.26 3.49
C ALA B 192 -12.66 -9.73 3.74
N SER B 193 -12.39 -10.53 2.70
CA SER B 193 -12.19 -11.96 2.86
C SER B 193 -10.72 -12.37 2.95
N VAL B 194 -9.78 -11.43 2.90
CA VAL B 194 -8.35 -11.80 2.89
C VAL B 194 -8.00 -12.68 4.09
N LEU B 195 -8.27 -12.18 5.28
CA LEU B 195 -7.81 -12.92 6.45
C LEU B 195 -8.63 -14.18 6.66
N THR B 196 -9.94 -14.11 6.44
CA THR B 196 -10.76 -15.31 6.62
C THR B 196 -10.34 -16.42 5.65
N GLU B 197 -10.03 -16.05 4.39
CA GLU B 197 -9.56 -17.06 3.44
C GLU B 197 -8.11 -17.48 3.77
N ALA B 198 -7.26 -16.56 4.24
CA ALA B 198 -5.88 -16.94 4.50
C ALA B 198 -5.80 -18.04 5.57
N VAL B 199 -6.57 -17.88 6.66
CA VAL B 199 -6.45 -18.83 7.76
C VAL B 199 -7.12 -20.17 7.46
N LYS B 200 -7.90 -20.28 6.38
CA LYS B 200 -8.44 -21.59 6.03
C LYS B 200 -7.49 -22.42 5.19
N GLN B 201 -6.38 -21.85 4.73
CA GLN B 201 -5.48 -22.61 3.89
C GLN B 201 -4.71 -23.60 4.73
N SER B 202 -4.13 -24.57 4.06
CA SER B 202 -3.38 -25.63 4.70
C SER B 202 -1.92 -25.24 4.85
N ASP B 203 -1.28 -25.82 5.84
CA ASP B 203 0.16 -25.69 6.00
C ASP B 203 0.55 -24.22 6.25
N LEU B 204 -0.07 -23.63 7.23
CA LEU B 204 0.19 -22.27 7.68
C LEU B 204 1.50 -22.20 8.47
N PRO B 205 2.23 -21.10 8.38
CA PRO B 205 3.33 -20.89 9.33
C PRO B 205 2.79 -20.90 10.75
N SER B 206 3.49 -21.62 11.62
CA SER B 206 3.09 -21.69 13.02
C SER B 206 2.90 -20.29 13.61
N GLY B 207 1.84 -20.12 14.39
CA GLY B 207 1.57 -18.86 15.03
C GLY B 207 0.73 -17.89 14.19
N TYR B 208 0.55 -18.15 12.89
CA TYR B 208 -0.19 -17.19 12.07
C TYR B 208 -1.68 -17.18 12.41
N ASP B 209 -2.28 -18.37 12.60
N ASP B 209 -2.27 -18.35 12.67
CA ASP B 209 -3.68 -18.48 13.00
CA ASP B 209 -3.70 -18.37 12.95
C ASP B 209 -3.95 -17.67 14.25
C ASP B 209 -4.00 -17.68 14.28
N HIS B 210 -3.10 -17.82 15.26
CA HIS B 210 -3.31 -17.14 16.54
C HIS B 210 -3.19 -15.63 16.37
N LEU B 211 -2.21 -15.19 15.58
CA LEU B 211 -2.07 -13.75 15.35
C LEU B 211 -3.33 -13.21 14.72
N CYS B 212 -3.85 -13.91 13.73
CA CYS B 212 -5.04 -13.42 13.05
C CYS B 212 -6.23 -13.36 13.98
N GLN B 213 -6.26 -14.21 14.99
CA GLN B 213 -7.38 -14.22 15.89
C GLN B 213 -7.51 -12.89 16.62
N PHE B 214 -6.38 -12.32 17.05
CA PHE B 214 -6.43 -10.98 17.65
C PHE B 214 -6.95 -9.94 16.66
N VAL B 215 -6.47 -10.01 15.40
CA VAL B 215 -6.80 -8.98 14.40
C VAL B 215 -8.27 -9.09 14.02
N MET B 216 -8.76 -10.32 13.85
CA MET B 216 -10.14 -10.54 13.41
C MET B 216 -11.13 -10.24 14.54
N SER B 217 -10.76 -10.48 15.81
CA SER B 217 -11.62 -10.15 16.94
C SER B 217 -11.55 -8.68 17.31
N GLY B 218 -10.54 -7.97 16.84
CA GLY B 218 -10.36 -6.59 17.26
C GLY B 218 -9.81 -6.43 18.65
N GLN B 219 -9.38 -7.52 19.30
N GLN B 219 -9.38 -7.52 19.30
CA GLN B 219 -8.86 -7.44 20.67
CA GLN B 219 -8.84 -7.45 20.66
C GLN B 219 -7.35 -7.21 20.57
C GLN B 219 -7.34 -7.21 20.55
N LEU B 220 -6.96 -5.94 20.43
CA LEU B 220 -5.58 -5.57 20.16
C LEU B 220 -5.02 -4.63 21.21
N SER B 221 -5.60 -4.62 22.43
CA SER B 221 -5.16 -3.71 23.48
C SER B 221 -4.11 -4.30 24.42
N ASP B 222 -3.94 -5.62 24.42
CA ASP B 222 -2.96 -6.27 25.29
C ASP B 222 -1.63 -6.37 24.55
N SER B 223 -0.77 -5.38 24.76
CA SER B 223 0.46 -5.30 24.00
C SER B 223 1.38 -6.47 24.28
N GLU B 224 1.44 -6.94 25.53
CA GLU B 224 2.34 -8.06 25.80
C GLU B 224 1.87 -9.32 25.07
N LYS B 225 0.57 -9.57 25.01
CA LYS B 225 0.09 -10.73 24.28
C LYS B 225 0.38 -10.58 22.80
N LEU B 226 0.22 -9.36 22.26
CA LEU B 226 0.49 -9.18 20.84
C LEU B 226 1.96 -9.41 20.52
N LEU B 227 2.85 -8.82 21.32
CA LEU B 227 4.28 -8.99 21.06
C LEU B 227 4.67 -10.44 21.13
N GLU B 228 4.07 -11.19 22.05
CA GLU B 228 4.34 -12.62 22.13
C GLU B 228 3.85 -13.34 20.88
N SER B 229 2.66 -12.97 20.41
CA SER B 229 2.10 -13.62 19.23
C SER B 229 2.90 -13.26 18.00
N LEU B 230 3.41 -12.04 17.94
CA LEU B 230 4.24 -11.64 16.81
C LEU B 230 5.54 -12.42 16.81
N GLU B 231 6.19 -12.53 17.97
CA GLU B 231 7.43 -13.31 18.02
C GLU B 231 7.19 -14.75 17.64
N ASN B 232 6.08 -15.33 18.12
CA ASN B 232 5.78 -16.71 17.75
C ASN B 232 5.56 -16.85 16.27
N PHE B 233 4.88 -15.88 15.66
CA PHE B 233 4.70 -15.95 14.23
C PHE B 233 6.03 -15.81 13.50
N TRP B 234 6.88 -14.90 13.96
CA TRP B 234 8.19 -14.72 13.34
C TRP B 234 8.99 -16.02 13.43
N ASN B 235 8.91 -16.72 14.56
CA ASN B 235 9.53 -18.06 14.64
C ASN B 235 8.89 -19.04 13.65
N GLY B 236 7.57 -19.06 13.57
CA GLY B 236 6.91 -19.93 12.61
C GLY B 236 7.31 -19.63 11.18
N ILE B 237 7.53 -18.34 10.87
CA ILE B 237 8.02 -17.96 9.55
C ILE B 237 9.36 -18.61 9.25
N GLN B 238 10.29 -18.52 10.20
CA GLN B 238 11.63 -19.05 9.99
C GLN B 238 11.59 -20.56 9.71
N GLU B 239 10.81 -21.30 10.51
CA GLU B 239 10.69 -22.74 10.31
C GLU B 239 10.03 -23.05 8.98
N TRP B 240 8.97 -22.30 8.67
CA TRP B 240 8.17 -22.53 7.48
C TRP B 240 8.96 -22.26 6.21
N THR B 241 9.71 -21.16 6.16
CA THR B 241 10.45 -20.87 4.93
C THR B 241 11.57 -21.89 4.68
N GLU B 242 12.28 -22.33 5.73
CA GLU B 242 13.27 -23.38 5.49
C GLU B 242 12.64 -24.72 5.17
N ARG B 243 11.53 -25.05 5.78
CA ARG B 243 10.86 -26.28 5.36
C ARG B 243 10.50 -26.25 3.87
N HIS B 244 10.00 -25.12 3.37
CA HIS B 244 9.57 -25.04 1.98
C HIS B 244 10.64 -24.56 1.00
N GLY B 245 11.86 -24.30 1.46
CA GLY B 245 12.90 -23.92 0.52
C GLY B 245 12.89 -22.47 0.10
N TYR B 246 12.22 -21.59 0.84
CA TYR B 246 12.25 -20.16 0.53
C TYR B 246 13.45 -19.57 1.26
N ILE B 247 14.63 -19.94 0.74
CA ILE B 247 15.91 -19.67 1.38
C ILE B 247 16.58 -18.50 0.69
N VAL B 248 16.97 -17.51 1.47
CA VAL B 248 17.74 -16.40 0.96
C VAL B 248 19.16 -16.47 1.56
N ASP B 249 20.16 -16.36 0.72
CA ASP B 249 21.53 -16.31 1.21
C ASP B 249 21.75 -14.99 1.93
N VAL B 250 21.97 -15.02 3.24
CA VAL B 250 22.20 -13.79 3.99
C VAL B 250 23.65 -13.69 4.47
N SER B 251 24.56 -14.45 3.83
CA SER B 251 25.90 -14.59 4.38
C SER B 251 26.79 -13.37 4.16
N LYS B 252 26.50 -12.54 3.14
CA LYS B 252 27.36 -11.40 2.78
C LYS B 252 26.91 -10.11 3.46
N ARG B 253 27.86 -9.30 3.94
CA ARG B 253 27.51 -7.98 4.46
C ARG B 253 26.97 -7.10 3.36
N ILE B 254 27.59 -7.14 2.19
CA ILE B 254 27.10 -6.38 1.05
C ILE B 254 27.07 -7.31 -0.14
N PRO B 255 25.91 -7.65 -0.66
CA PRO B 255 25.82 -8.66 -1.72
C PRO B 255 25.86 -8.13 -3.14
N PHE B 256 26.40 -6.95 -3.39
CA PHE B 256 26.54 -6.48 -4.76
C PHE B 256 27.97 -5.97 -4.91
C1 NMY C . 9.85 1.93 0.32
O1 NMY C . 10.70 0.82 -0.04
C2 NMY C . 10.67 2.98 0.98
N2 NMY C . 11.96 3.21 0.13
C3 NMY C . 11.05 2.61 2.35
O3 NMY C . 11.89 3.70 2.90
C4 NMY C . 9.87 2.28 3.23
O4 NMY C . 10.29 1.83 4.53
C5 NMY C . 9.00 1.15 2.60
O5 NMY C . 8.70 1.51 1.14
C6 NMY C . 7.74 0.96 3.29
C7 NMY C . 10.10 -2.66 -2.48
N7 NMY C . 9.44 -3.89 -2.92
C12 NMY C . 9.24 -1.42 -2.84
C11 NMY C . 9.74 -0.12 -2.16
O11 NMY C . 8.75 0.89 -2.41
C10 NMY C . 10.02 -0.29 -0.65
C9 NMY C . 10.92 -1.52 -0.40
N9 NMY C . 11.15 -1.71 1.06
C8 NMY C . 10.29 -2.80 -0.97
C13 NMY C . 9.16 1.74 -3.42
C14 NMY C . 8.21 2.60 -3.87
C15 NMY C . 9.00 3.80 -4.44
C16 NMY C . 10.25 3.87 -3.44
O16 NMY C . 10.33 2.73 -2.81
C17 NMY C . 10.12 5.05 -2.43
C21 NMY C . 11.97 6.05 -8.07
C20 NMY C . 10.72 5.49 -8.68
C19 NMY C . 10.00 4.44 -7.90
C18 NMY C . 9.86 4.71 -6.43
O18 NMY C . 9.41 3.56 -5.70
C22 NMY C . 11.74 6.42 -6.58
O22 NMY C . 11.14 5.18 -5.87
C23 NMY C . 12.89 6.88 -5.90
N6 NMY C . 6.93 0.00 2.48
O14 NMY C . 7.46 1.99 -4.97
O20 NMY C . 9.80 6.61 -8.88
O21 NMY C . 13.03 5.11 -8.23
O17 NMY C . 11.37 5.18 -1.75
O12 NMY C . 9.21 -1.22 -4.24
N19 NMY C . 13.73 5.79 -5.40
N23 NMY C . 10.74 3.09 -8.11
MG MG D . -10.47 0.73 -5.78
CA CA E . 20.09 18.69 3.25
MG MG F . 11.02 -0.41 3.57
C1 NMY G . -6.59 -0.67 -7.48
O1 NMY G . -7.14 0.60 -7.92
C2 NMY G . -7.44 -1.74 -8.05
N2 NMY G . -7.57 -1.41 -9.55
C3 NMY G . -8.77 -1.79 -7.43
O3 NMY G . -9.58 -2.93 -7.94
C4 NMY G . -8.75 -1.86 -5.93
O4 NMY G . -10.08 -1.81 -5.40
C5 NMY G . -7.88 -0.70 -5.33
O5 NMY G . -6.51 -0.77 -6.00
C6 NMY G . -7.75 -0.86 -3.90
C7 NMY G . -5.45 4.59 -7.93
N7 NMY G . -4.79 5.80 -7.42
C12 NMY G . -4.47 3.40 -7.94
C11 NMY G . -5.11 2.05 -8.36
O11 NMY G . -4.13 1.02 -8.15
C10 NMY G . -6.40 1.78 -7.53
C9 NMY G . -7.36 2.98 -7.66
N9 NMY G . -8.61 2.75 -6.91
C8 NMY G . -6.68 4.24 -7.10
C13 NMY G . -3.58 0.62 -9.34
C14 NMY G . -2.49 -0.18 -9.24
C15 NMY G . -2.48 -0.98 -10.58
C16 NMY G . -4.06 -1.11 -10.90
O16 NMY G . -4.71 -0.32 -10.09
C17 NMY G . -4.62 -2.55 -10.76
C21 NMY G . -1.52 -1.38 -15.63
C20 NMY G . -0.33 -0.74 -14.95
C19 NMY G . -0.62 -0.12 -13.64
C18 NMY G . -1.41 -1.00 -12.70
O18 NMY G . -1.78 -0.28 -11.51
C22 NMY G . -2.31 -2.35 -14.71
O22 NMY G . -2.60 -1.59 -13.39
C23 NMY G . -3.52 -2.81 -15.33
N6 NMY G . -7.12 0.36 -3.32
O14 NMY G . -1.24 0.62 -9.10
O20 NMY G . 0.72 -1.76 -14.78
O21 NMY G . -2.38 -0.35 -16.10
O17 NMY G . -5.81 -2.63 -11.55
O12 NMY G . -3.43 3.75 -8.81
N19 NMY G . -4.63 -1.85 -15.21
N23 NMY G . -1.38 1.19 -13.92
#